data_7M5W
#
_entry.id   7M5W
#
_cell.length_a   46.890
_cell.length_b   79.920
_cell.length_c   106.960
_cell.angle_alpha   90.000
_cell.angle_beta   90.000
_cell.angle_gamma   90.000
#
_symmetry.space_group_name_H-M   'P 21 21 21'
#
loop_
_entity.id
_entity.type
_entity.pdbx_description
1 polymer 'Protein capicua homolog'
2 polymer "DNA (5'-D(*GP*GP*TP*TP*AP*TP*GP*AP*AP*TP*GP*AP*AP*AP*AP*AP*GP*C)-3')"
3 polymer "DNA (5'-D(*GP*CP*TP*TP*TP*TP*TP*CP*AP*TP*TP*CP*AP*TP*AP*AP*CP*C)-3')"
4 non-polymer 'CALCIUM ION'
5 water water
#
loop_
_entity_poly.entity_id
_entity_poly.type
_entity_poly.pdbx_seq_one_letter_code
_entity_poly.pdbx_strand_id
1 'polypeptide(L)'
;MGSSHHHHHHSSGLVPRGSHMDGRSPNKREKDHIRRPMNAFMIFSKRHRALVHQRHPNQDNRTVSKILGEWWYALGPKEK
QKYHDLAFQVKEAHFKAHPDWKWCNKDRKKSSSEFKVPYSSLRRTLDQRRALVMQLFQDHGFFPSAQATAAFQARYADIF
PSKVCLQLKIREVRQKIMQAATPTEQ
;
A
2 'polydeoxyribonucleotide' (DG)(DG)(DT)(DT)(DA)(DT)(DG)(DA)(DA)(DT)(DG)(DA)(DA)(DA)(DA)(DA)(DG)(DC) B
3 'polydeoxyribonucleotide' (DG)(DC)(DT)(DT)(DT)(DT)(DT)(DC)(DA)(DT)(DT)(DC)(DA)(DT)(DA)(DA)(DC)(DC) C
#
loop_
_chem_comp.id
_chem_comp.type
_chem_comp.name
_chem_comp.formula
CA non-polymer 'CALCIUM ION' 'Ca 2'
DA DNA linking 2'-DEOXYADENOSINE-5'-MONOPHOSPHATE 'C10 H14 N5 O6 P'
DC DNA linking 2'-DEOXYCYTIDINE-5'-MONOPHOSPHATE 'C9 H14 N3 O7 P'
DG DNA linking 2'-DEOXYGUANOSINE-5'-MONOPHOSPHATE 'C10 H14 N5 O7 P'
DT DNA linking THYMIDINE-5'-MONOPHOSPHATE 'C10 H15 N2 O8 P'
#
# COMPACT_ATOMS: atom_id res chain seq x y z
N ASP A 32 -17.40 -19.32 5.51
CA ASP A 32 -16.06 -19.46 6.09
C ASP A 32 -15.16 -20.29 5.17
N HIS A 33 -14.82 -19.72 4.02
CA HIS A 33 -13.93 -20.39 3.08
C HIS A 33 -12.49 -20.32 3.59
N ILE A 34 -11.59 -20.99 2.87
CA ILE A 34 -10.18 -20.97 3.23
C ILE A 34 -9.60 -19.60 2.90
N ARG A 35 -9.13 -18.90 3.92
CA ARG A 35 -8.63 -17.54 3.75
C ARG A 35 -7.26 -17.56 3.08
N ARG A 36 -6.76 -16.36 2.78
CA ARG A 36 -5.45 -16.16 2.18
C ARG A 36 -4.45 -15.82 3.27
N PRO A 37 -3.24 -16.38 3.24
CA PRO A 37 -2.30 -16.16 4.35
C PRO A 37 -1.83 -14.71 4.41
N MET A 38 -1.64 -14.22 5.64
CA MET A 38 -1.20 -12.84 5.84
C MET A 38 0.24 -12.67 5.37
N ASN A 39 0.50 -11.53 4.73
CA ASN A 39 1.86 -11.16 4.33
C ASN A 39 2.58 -10.52 5.53
N ALA A 40 3.79 -10.01 5.30
CA ALA A 40 4.54 -9.41 6.39
C ALA A 40 3.85 -8.15 6.91
N PHE A 41 3.26 -7.36 6.01
CA PHE A 41 2.65 -6.10 6.43
C PHE A 41 1.36 -6.34 7.21
N MET A 42 0.52 -7.28 6.76
CA MET A 42 -0.73 -7.55 7.46
C MET A 42 -0.48 -8.07 8.87
N ILE A 43 0.66 -8.75 9.08
CA ILE A 43 1.06 -9.11 10.43
C ILE A 43 1.47 -7.87 11.22
N PHE A 44 2.25 -6.99 10.59
CA PHE A 44 2.65 -5.75 11.25
C PHE A 44 1.45 -4.87 11.56
N SER A 45 0.45 -4.85 10.67
CA SER A 45 -0.75 -4.06 10.92
C SER A 45 -1.56 -4.65 12.06
N LYS A 46 -1.70 -5.97 12.12
CA LYS A 46 -2.47 -6.59 13.19
C LYS A 46 -1.91 -6.24 14.56
N ARG A 47 -0.59 -6.07 14.66
CA ARG A 47 0.07 -5.83 15.94
C ARG A 47 0.05 -4.35 16.32
N HIS A 48 0.39 -3.46 15.40
CA HIS A 48 0.62 -2.06 15.73
C HIS A 48 -0.57 -1.14 15.43
N ARG A 49 -1.69 -1.68 14.95
CA ARG A 49 -2.82 -0.81 14.62
C ARG A 49 -3.44 -0.19 15.86
N ALA A 50 -3.67 -1.00 16.90
CA ALA A 50 -4.25 -0.47 18.13
C ALA A 50 -3.33 0.54 18.79
N LEU A 51 -2.02 0.40 18.62
CA LEU A 51 -1.09 1.37 19.19
C LEU A 51 -1.13 2.68 18.41
N VAL A 52 -1.26 2.61 17.09
CA VAL A 52 -1.33 3.83 16.28
C VAL A 52 -2.62 4.59 16.60
N HIS A 53 -3.74 3.88 16.76
CA HIS A 53 -4.99 4.55 17.10
C HIS A 53 -4.93 5.21 18.47
N GLN A 54 -4.15 4.64 19.40
CA GLN A 54 -3.96 5.28 20.69
C GLN A 54 -3.18 6.58 20.57
N ARG A 55 -2.15 6.59 19.72
CA ARG A 55 -1.34 7.80 19.54
C ARG A 55 -1.99 8.82 18.62
N HIS A 56 -3.00 8.42 17.86
CA HIS A 56 -3.73 9.33 16.97
C HIS A 56 -5.21 9.02 17.10
N PRO A 57 -5.84 9.47 18.20
CA PRO A 57 -7.24 9.10 18.44
C PRO A 57 -8.25 9.88 17.61
N ASN A 58 -7.88 11.04 17.08
CA ASN A 58 -8.78 11.86 16.29
C ASN A 58 -8.62 11.65 14.79
N GLN A 59 -8.10 10.49 14.39
CA GLN A 59 -7.96 10.13 12.98
C GLN A 59 -8.52 8.74 12.76
N ASP A 60 -9.29 8.58 11.69
CA ASP A 60 -10.06 7.37 11.48
C ASP A 60 -9.16 6.20 11.09
N ASN A 61 -9.78 5.03 10.92
CA ASN A 61 -9.01 3.81 10.67
C ASN A 61 -8.32 3.86 9.32
N ARG A 62 -8.98 4.44 8.31
CA ARG A 62 -8.34 4.56 7.00
C ARG A 62 -7.10 5.42 7.05
N THR A 63 -7.09 6.44 7.91
CA THR A 63 -5.87 7.23 8.10
C THR A 63 -4.85 6.47 8.91
N VAL A 64 -5.29 5.59 9.82
CA VAL A 64 -4.37 4.74 10.57
C VAL A 64 -3.61 3.83 9.63
N SER A 65 -4.30 3.30 8.60
CA SER A 65 -3.62 2.47 7.61
C SER A 65 -2.53 3.25 6.89
N LYS A 66 -2.72 4.55 6.69
CA LYS A 66 -1.67 5.37 6.10
C LYS A 66 -0.50 5.55 7.07
N ILE A 67 -0.77 5.55 8.37
CA ILE A 67 0.32 5.66 9.35
C ILE A 67 1.06 4.33 9.49
N LEU A 68 0.33 3.20 9.48
CA LEU A 68 0.96 1.90 9.56
C LEU A 68 1.92 1.69 8.38
N GLY A 69 1.50 2.08 7.18
CA GLY A 69 2.38 1.99 6.04
C GLY A 69 3.59 2.89 6.17
N GLU A 70 3.40 4.07 6.75
CA GLU A 70 4.52 4.98 6.97
C GLU A 70 5.51 4.40 7.98
N TRP A 71 5.00 3.75 9.04
CA TRP A 71 5.88 3.12 10.00
C TRP A 71 6.59 1.91 9.41
N TRP A 72 5.86 1.11 8.60
CA TRP A 72 6.47 -0.06 7.99
C TRP A 72 7.64 0.33 7.10
N TYR A 73 7.52 1.44 6.38
CA TYR A 73 8.64 1.91 5.56
C TYR A 73 9.78 2.43 6.43
N ALA A 74 9.47 2.91 7.64
CA ALA A 74 10.48 3.46 8.53
C ALA A 74 11.30 2.40 9.26
N LEU A 75 10.85 1.14 9.25
CA LEU A 75 11.58 0.09 9.94
C LEU A 75 12.92 -0.17 9.26
N GLY A 76 13.88 -0.64 10.05
CA GLY A 76 15.16 -1.03 9.53
C GLY A 76 15.15 -2.46 9.05
N PRO A 77 16.19 -2.88 8.32
CA PRO A 77 16.24 -4.26 7.83
C PRO A 77 16.19 -5.31 8.92
N LYS A 78 16.67 -4.96 10.12
CA LYS A 78 16.59 -5.90 11.24
C LYS A 78 15.15 -6.19 11.61
N GLU A 79 14.40 -5.15 11.98
CA GLU A 79 13.02 -5.36 12.43
C GLU A 79 12.09 -5.72 11.30
N LYS A 80 12.37 -5.25 10.08
CA LYS A 80 11.50 -5.58 8.95
C LYS A 80 11.61 -7.06 8.58
N GLN A 81 12.82 -7.62 8.62
CA GLN A 81 13.00 -9.04 8.33
C GLN A 81 12.28 -9.91 9.35
N LYS A 82 12.12 -9.40 10.58
CA LYS A 82 11.43 -10.16 11.62
C LYS A 82 10.01 -10.51 11.18
N TYR A 83 9.32 -9.58 10.53
CA TYR A 83 7.96 -9.83 10.09
C TYR A 83 7.91 -10.64 8.79
N HIS A 84 8.92 -10.50 7.93
CA HIS A 84 8.99 -11.36 6.75
C HIS A 84 9.23 -12.81 7.14
N ASP A 85 10.14 -13.04 8.10
CA ASP A 85 10.34 -14.40 8.61
C ASP A 85 9.07 -14.93 9.25
N LEU A 86 8.33 -14.07 9.95
CA LEU A 86 7.07 -14.49 10.54
C LEU A 86 6.03 -14.79 9.48
N ALA A 87 6.05 -14.05 8.37
CA ALA A 87 5.12 -14.32 7.28
C ALA A 87 5.49 -15.61 6.53
N PHE A 88 6.77 -15.98 6.54
CA PHE A 88 7.18 -17.23 5.89
C PHE A 88 6.60 -18.44 6.60
N GLN A 89 6.66 -18.46 7.93
CA GLN A 89 6.13 -19.59 8.67
C GLN A 89 4.61 -19.70 8.53
N VAL A 90 3.92 -18.57 8.38
CA VAL A 90 2.47 -18.61 8.17
C VAL A 90 2.14 -19.24 6.82
N LYS A 91 2.92 -18.94 5.79
CA LYS A 91 2.72 -19.57 4.49
C LYS A 91 3.01 -21.07 4.56
N GLU A 92 4.08 -21.45 5.26
CA GLU A 92 4.42 -22.86 5.38
C GLU A 92 3.34 -23.63 6.13
N ALA A 93 2.84 -23.07 7.24
CA ALA A 93 1.77 -23.72 7.97
C ALA A 93 0.47 -23.73 7.17
N HIS A 94 0.26 -22.74 6.31
CA HIS A 94 -0.95 -22.69 5.50
C HIS A 94 -0.98 -23.81 4.46
N PHE A 95 0.15 -24.04 3.79
CA PHE A 95 0.22 -25.13 2.82
C PHE A 95 0.18 -26.50 3.53
N LYS A 96 0.74 -26.58 4.73
CA LYS A 96 0.70 -27.84 5.47
C LYS A 96 -0.72 -28.18 5.92
N ALA A 97 -1.56 -27.17 6.15
CA ALA A 97 -2.93 -27.40 6.57
C ALA A 97 -3.91 -27.48 5.40
N HIS A 98 -3.64 -26.77 4.31
CA HIS A 98 -4.48 -26.79 3.11
C HIS A 98 -3.60 -27.13 1.92
N PRO A 99 -3.23 -28.40 1.76
CA PRO A 99 -2.31 -28.76 0.66
C PRO A 99 -2.87 -28.52 -0.72
N ASP A 100 -4.18 -28.70 -0.91
CA ASP A 100 -4.81 -28.54 -2.22
C ASP A 100 -5.41 -27.16 -2.42
N TRP A 101 -4.98 -26.16 -1.64
CA TRP A 101 -5.45 -24.80 -1.83
C TRP A 101 -4.64 -24.10 -2.90
N LYS A 102 -5.31 -23.30 -3.73
CA LYS A 102 -4.68 -22.58 -4.82
C LYS A 102 -5.03 -21.11 -4.74
N TRP A 103 -4.02 -20.27 -4.93
CA TRP A 103 -4.19 -18.82 -4.96
C TRP A 103 -5.07 -18.44 -6.15
N CYS A 104 -6.31 -18.02 -5.89
CA CYS A 104 -7.27 -17.72 -6.94
C CYS A 104 -7.75 -16.28 -6.83
N ASN A 105 -8.19 -15.75 -7.97
CA ASN A 105 -8.76 -14.40 -8.03
C ASN A 105 -10.08 -14.40 -8.80
N PRO A 118 -5.36 3.94 -27.37
CA PRO A 118 -4.24 3.78 -28.31
C PRO A 118 -3.10 2.95 -27.70
N TYR A 119 -2.67 1.92 -28.42
CA TYR A 119 -1.62 1.05 -27.89
C TYR A 119 -0.26 1.74 -27.84
N SER A 120 0.01 2.61 -28.81
CA SER A 120 1.27 3.34 -28.80
C SER A 120 1.31 4.36 -27.68
N SER A 121 0.18 5.04 -27.43
CA SER A 121 0.08 6.02 -26.37
C SER A 121 -0.18 5.41 -25.00
N LEU A 122 -0.21 4.08 -24.90
CA LEU A 122 -0.47 3.44 -23.62
C LEU A 122 0.72 3.59 -22.68
N ARG A 123 1.93 3.34 -23.18
CA ARG A 123 3.12 3.51 -22.36
C ARG A 123 3.37 5.00 -22.07
N ARG A 124 3.11 5.87 -23.05
CA ARG A 124 3.25 7.30 -22.82
C ARG A 124 2.28 7.79 -21.75
N THR A 125 1.09 7.20 -21.68
CA THR A 125 0.13 7.56 -20.65
C THR A 125 0.60 7.08 -19.28
N LEU A 126 1.05 5.83 -19.18
CA LEU A 126 1.48 5.29 -17.91
C LEU A 126 2.69 6.05 -17.35
N ASP A 127 3.65 6.36 -18.22
CA ASP A 127 4.80 7.17 -17.77
C ASP A 127 4.35 8.55 -17.33
N GLN A 128 3.32 9.10 -17.96
CA GLN A 128 2.81 10.40 -17.54
C GLN A 128 2.11 10.31 -16.19
N ARG A 129 1.38 9.21 -15.96
CA ARG A 129 0.68 9.05 -14.68
C ARG A 129 1.67 8.96 -13.53
N ARG A 130 2.74 8.19 -13.70
CA ARG A 130 3.73 8.05 -12.63
C ARG A 130 4.44 9.37 -12.36
N ALA A 131 4.70 10.16 -13.41
CA ALA A 131 5.37 11.44 -13.23
C ALA A 131 4.52 12.41 -12.43
N LEU A 132 3.20 12.40 -12.65
CA LEU A 132 2.31 13.29 -11.93
C LEU A 132 2.19 12.89 -10.46
N VAL A 133 2.08 11.58 -10.19
CA VAL A 133 2.03 11.10 -8.81
C VAL A 133 3.34 11.42 -8.09
N MET A 134 4.45 11.44 -8.83
CA MET A 134 5.72 11.87 -8.22
C MET A 134 5.63 13.32 -7.74
N GLN A 135 5.00 14.19 -8.52
CA GLN A 135 4.80 15.57 -8.11
C GLN A 135 3.86 15.66 -6.92
N LEU A 136 2.83 14.81 -6.90
CA LEU A 136 1.90 14.81 -5.77
C LEU A 136 2.62 14.48 -4.47
N PHE A 137 3.55 13.53 -4.51
CA PHE A 137 4.28 13.15 -3.30
C PHE A 137 5.21 14.27 -2.86
N GLN A 138 5.93 14.89 -3.79
CA GLN A 138 6.82 15.99 -3.42
C GLN A 138 6.07 17.27 -3.05
N ASP A 139 4.75 17.31 -3.27
CA ASP A 139 3.96 18.48 -2.91
C ASP A 139 3.14 18.28 -1.64
N HIS A 140 2.71 17.05 -1.35
CA HIS A 140 1.84 16.80 -0.21
C HIS A 140 2.29 15.60 0.62
N GLY A 141 3.53 15.15 0.44
CA GLY A 141 4.01 14.00 1.17
C GLY A 141 3.63 12.69 0.50
N PHE A 142 4.29 11.61 0.96
CA PHE A 142 4.05 10.29 0.39
C PHE A 142 2.66 9.77 0.72
N PHE A 143 2.03 10.27 1.78
CA PHE A 143 0.65 9.92 2.15
C PHE A 143 -0.19 11.18 2.15
N PRO A 144 -0.53 11.70 0.97
CA PRO A 144 -1.28 12.96 0.90
C PRO A 144 -2.69 12.78 1.45
N SER A 145 -3.22 13.87 2.01
CA SER A 145 -4.56 13.84 2.59
C SER A 145 -5.59 13.49 1.51
N ALA A 146 -6.73 12.98 1.95
CA ALA A 146 -7.80 12.64 1.02
C ALA A 146 -8.25 13.86 0.23
N GLN A 147 -8.23 15.04 0.87
CA GLN A 147 -8.56 16.28 0.18
C GLN A 147 -7.54 16.58 -0.91
N ALA A 148 -6.25 16.62 -0.56
CA ALA A 148 -5.22 16.91 -1.54
C ALA A 148 -5.17 15.83 -2.62
N THR A 149 -5.49 14.59 -2.27
CA THR A 149 -5.58 13.53 -3.28
C THR A 149 -6.78 13.74 -4.19
N ALA A 150 -7.91 14.16 -3.62
CA ALA A 150 -9.10 14.42 -4.44
C ALA A 150 -8.88 15.63 -5.34
N ALA A 151 -8.29 16.70 -4.80
CA ALA A 151 -8.00 17.87 -5.62
C ALA A 151 -6.99 17.55 -6.72
N PHE A 152 -6.04 16.65 -6.44
CA PHE A 152 -5.10 16.23 -7.46
C PHE A 152 -5.80 15.47 -8.58
N GLN A 153 -6.77 14.63 -8.24
CA GLN A 153 -7.52 13.89 -9.25
C GLN A 153 -8.26 14.85 -10.17
N ALA A 154 -8.89 15.89 -9.61
CA ALA A 154 -9.67 16.81 -10.42
C ALA A 154 -8.78 17.67 -11.31
N ARG A 155 -7.61 18.07 -10.81
CA ARG A 155 -6.69 18.85 -11.62
C ARG A 155 -6.25 18.09 -12.87
N TYR A 156 -6.18 16.77 -12.78
CA TYR A 156 -5.83 15.94 -13.93
C TYR A 156 -6.92 14.90 -14.17
N ALA A 157 -8.18 15.33 -14.20
CA ALA A 157 -9.29 14.39 -14.39
C ALA A 157 -9.22 13.67 -15.72
N ASP A 158 -8.52 14.22 -16.71
CA ASP A 158 -8.37 13.55 -18.00
C ASP A 158 -7.37 12.42 -17.92
N ILE A 159 -6.28 12.61 -17.18
CA ILE A 159 -5.26 11.58 -17.05
C ILE A 159 -5.78 10.40 -16.24
N PHE A 160 -6.45 10.69 -15.12
CA PHE A 160 -7.00 9.66 -14.25
C PHE A 160 -8.52 9.66 -14.35
N PRO A 161 -9.11 8.79 -15.16
CA PRO A 161 -10.57 8.82 -15.35
C PRO A 161 -11.38 8.29 -14.18
N SER A 162 -10.74 7.83 -13.10
CA SER A 162 -11.47 7.30 -11.96
C SER A 162 -10.62 7.45 -10.71
N LYS A 163 -11.26 7.27 -9.55
CA LYS A 163 -10.53 7.34 -8.29
C LYS A 163 -9.65 6.12 -8.07
N VAL A 164 -10.16 4.92 -8.42
CA VAL A 164 -9.37 3.71 -8.23
C VAL A 164 -8.15 3.70 -9.15
N CYS A 165 -8.24 4.35 -10.30
CA CYS A 165 -7.06 4.46 -11.16
C CYS A 165 -5.99 5.31 -10.52
N LEU A 166 -6.38 6.36 -9.80
CA LEU A 166 -5.40 7.20 -9.13
C LEU A 166 -4.87 6.53 -7.86
N GLN A 167 -5.74 5.90 -7.07
CA GLN A 167 -5.29 5.27 -5.84
C GLN A 167 -4.32 4.14 -6.10
N LEU A 168 -4.59 3.33 -7.13
CA LEU A 168 -3.66 2.28 -7.52
C LEU A 168 -2.30 2.88 -7.89
N LYS A 169 -2.31 3.92 -8.71
CA LYS A 169 -1.05 4.55 -9.10
C LYS A 169 -0.34 5.19 -7.90
N ILE A 170 -1.10 5.69 -6.93
CA ILE A 170 -0.49 6.20 -5.71
C ILE A 170 0.20 5.07 -4.94
N ARG A 171 -0.43 3.90 -4.90
CA ARG A 171 0.15 2.77 -4.18
C ARG A 171 1.31 2.15 -4.95
N GLU A 172 1.16 2.00 -6.27
CA GLU A 172 2.21 1.38 -7.07
C GLU A 172 3.50 2.22 -7.06
N VAL A 173 3.37 3.52 -7.30
CA VAL A 173 4.54 4.38 -7.33
C VAL A 173 5.21 4.45 -5.97
N ARG A 174 4.41 4.59 -4.90
CA ARG A 174 4.97 4.72 -3.56
C ARG A 174 5.70 3.44 -3.14
N GLN A 175 5.07 2.29 -3.36
CA GLN A 175 5.71 1.01 -3.02
C GLN A 175 6.98 0.77 -3.83
N LYS A 176 7.00 1.24 -5.08
CA LYS A 176 8.19 1.03 -5.92
C LYS A 176 9.34 1.91 -5.46
N ILE A 177 9.05 3.10 -4.93
CA ILE A 177 10.11 3.96 -4.41
C ILE A 177 10.71 3.38 -3.14
N MET A 178 9.86 2.78 -2.29
CA MET A 178 10.32 2.28 -1.00
C MET A 178 11.15 1.00 -1.11
N GLN A 179 10.94 0.21 -2.16
CA GLN A 179 11.76 -0.98 -2.34
C GLN A 179 13.19 -0.62 -2.74
N ALA A 180 13.39 0.55 -3.36
CA ALA A 180 14.70 1.02 -3.77
C ALA A 180 15.35 1.93 -2.74
N ALA A 181 14.97 1.82 -1.47
CA ALA A 181 15.54 2.64 -0.41
C ALA A 181 16.27 1.77 0.61
CA CA D . -30.81 8.42 6.85
#